data_3M16
#
_entry.id   3M16
#
_cell.length_a   143.105
_cell.length_b   143.105
_cell.length_c   119.724
_cell.angle_alpha   90.00
_cell.angle_beta   90.00
_cell.angle_gamma   120.00
#
_symmetry.space_group_name_H-M   'P 61 2 2'
#
loop_
_entity.id
_entity.type
_entity.pdbx_description
1 polymer Transaldolase
2 water water
#
_entity_poly.entity_id   1
_entity_poly.type   'polypeptide(L)'
_entity_poly.pdbx_seq_one_letter_code
;G(MSE)SAQAKNKLEALKA(MSE)TTVVADTGDIEAIKQFKPVDATTNPSLILKAAKLANYQHLIEEAIDWALQIKGNDK
NSQTTLENVGDKLAVNIGCEVLTSIPGVISTEVDARLSFDTQATVAKARKLIRLYQDAGIDSDRILIKIASTWEGIQAAK
ILEAEGIHCNLTLLFHFAQAQACAEAGTTLISPFVGRILDWYKANSGQSEYSASEDPGVVSVTEIYNFYKSHGFKTIV
(MSE)GASFRNTGEIEELAGCDRLTISPELLAQLEADTSPLEQKLFPIKETKDTPELLTEASFRWA(MSE)NNDP(MSE)
AHDKLADGIRRFAADQVTLES(MSE)LSKKISQRS
;
_entity_poly.pdbx_strand_id   A
#
# COMPACT_ATOMS: atom_id res chain seq x y z
N GLY A 1 -11.54 18.40 -28.24
CA GLY A 1 -11.90 17.38 -27.21
C GLY A 1 -11.42 15.96 -27.52
N MSE A 2 -10.12 15.75 -27.33
CA MSE A 2 -9.50 14.42 -27.44
C MSE A 2 -8.95 14.03 -26.05
O MSE A 2 -9.44 13.07 -25.44
CB MSE A 2 -8.40 14.44 -28.52
CG MSE A 2 -7.58 13.16 -28.68
SE MSE A 2 -6.08 13.50 -29.89
CE MSE A 2 -5.22 15.05 -29.02
N SER A 3 -7.95 14.77 -25.57
CA SER A 3 -7.57 14.85 -24.14
C SER A 3 -7.82 16.32 -23.71
N ALA A 4 -7.84 16.59 -22.40
CA ALA A 4 -8.13 17.95 -21.92
C ALA A 4 -7.28 18.32 -20.71
N ALA A 6 -4.27 20.77 -20.61
CA ALA A 6 -3.16 19.88 -20.30
C ALA A 6 -2.37 20.43 -19.10
N LYS A 7 -1.22 21.05 -19.36
CA LYS A 7 -0.36 21.66 -18.34
C LYS A 7 0.92 20.81 -18.18
N ASN A 8 0.74 19.53 -17.91
CA ASN A 8 1.82 18.51 -17.80
C ASN A 8 1.20 17.23 -17.29
N LYS A 9 1.93 16.12 -17.40
CA LYS A 9 1.37 14.80 -17.05
C LYS A 9 0.93 14.58 -15.59
N LEU A 10 1.72 15.03 -14.62
CA LEU A 10 1.28 15.01 -13.24
C LEU A 10 -0.09 15.68 -13.12
N GLU A 11 -0.19 16.93 -13.57
CA GLU A 11 -1.46 17.65 -13.48
C GLU A 11 -2.54 16.90 -14.25
N ALA A 12 -2.19 16.45 -15.45
CA ALA A 12 -3.15 15.72 -16.29
C ALA A 12 -3.74 14.49 -15.59
N LEU A 13 -2.86 13.65 -15.01
CA LEU A 13 -3.25 12.43 -14.33
C LEU A 13 -4.15 12.73 -13.15
N LYS A 14 -3.82 13.80 -12.42
CA LYS A 14 -4.62 14.22 -11.28
C LYS A 14 -6.10 14.39 -11.60
N ALA A 15 -6.44 14.49 -12.89
CA ALA A 15 -7.82 14.77 -13.30
C ALA A 15 -8.65 13.54 -13.69
N MSE A 16 -7.98 12.42 -13.95
CA MSE A 16 -8.70 11.20 -14.32
C MSE A 16 -8.52 10.10 -13.26
O MSE A 16 -9.19 9.04 -13.30
CB MSE A 16 -8.26 10.71 -15.72
CG MSE A 16 -6.82 10.16 -15.84
SE MSE A 16 -6.14 10.19 -17.68
CE MSE A 16 -6.18 12.12 -17.91
N THR A 17 -7.62 10.40 -12.30
CA THR A 17 -7.14 9.43 -11.30
C THR A 17 -6.74 10.14 -10.01
N THR A 18 -7.13 9.61 -8.86
CA THR A 18 -6.69 10.15 -7.57
C THR A 18 -5.20 9.85 -7.38
N VAL A 19 -4.39 10.87 -7.30
CA VAL A 19 -2.97 10.61 -7.29
C VAL A 19 -2.48 10.48 -5.86
N VAL A 20 -1.66 9.46 -5.62
CA VAL A 20 -1.13 9.25 -4.29
C VAL A 20 0.38 9.16 -4.31
N ALA A 21 1.01 9.90 -3.40
CA ALA A 21 2.45 9.81 -3.15
C ALA A 21 2.88 8.57 -2.33
N ASP A 22 3.75 7.76 -2.91
CA ASP A 22 4.32 6.61 -2.21
C ASP A 22 5.59 7.07 -1.50
N THR A 23 5.43 7.75 -0.37
CA THR A 23 6.55 8.20 0.46
C THR A 23 6.11 8.61 1.86
N GLY A 24 7.06 8.58 2.79
CA GLY A 24 6.83 8.95 4.17
C GLY A 24 7.21 10.38 4.47
N ASP A 25 7.75 11.06 3.47
CA ASP A 25 8.44 12.30 3.70
C ASP A 25 7.61 13.52 3.29
N ILE A 26 7.30 14.40 4.24
CA ILE A 26 6.51 15.62 3.94
C ILE A 26 7.08 16.41 2.79
N GLU A 27 8.39 16.51 2.73
CA GLU A 27 9.06 17.30 1.70
C GLU A 27 8.53 16.94 0.31
N ALA A 28 8.45 15.64 0.03
CA ALA A 28 7.86 15.15 -1.21
C ALA A 28 6.37 15.46 -1.28
N ILE A 29 5.63 15.24 -0.19
CA ILE A 29 4.20 15.56 -0.17
C ILE A 29 3.93 17.05 -0.46
N LYS A 30 4.70 17.92 0.20
CA LYS A 30 4.56 19.35 0.02
C LYS A 30 4.79 19.72 -1.43
N GLN A 31 5.86 19.19 -2.02
CA GLN A 31 6.20 19.47 -3.40
C GLN A 31 5.18 18.99 -4.46
N PHE A 32 4.54 17.85 -4.23
CA PHE A 32 3.67 17.26 -5.27
C PHE A 32 2.18 17.37 -4.98
N LYS A 33 1.82 17.70 -3.74
CA LYS A 33 0.43 17.91 -3.33
C LYS A 33 -0.53 16.81 -3.81
N PRO A 34 -0.28 15.56 -3.36
CA PRO A 34 -1.14 14.44 -3.62
C PRO A 34 -2.33 14.47 -2.69
N VAL A 35 -3.34 13.66 -2.96
CA VAL A 35 -4.51 13.61 -2.08
C VAL A 35 -4.42 12.51 -1.01
N ASP A 36 -3.92 11.32 -1.36
CA ASP A 36 -3.58 10.33 -0.33
C ASP A 36 -2.07 10.19 -0.26
N ALA A 37 -1.61 9.40 0.70
CA ALA A 37 -0.23 8.89 0.68
C ALA A 37 -0.18 7.44 1.18
N THR A 38 0.93 6.77 0.92
CA THR A 38 1.13 5.41 1.37
C THR A 38 2.51 5.32 1.99
N THR A 39 2.63 4.46 3.00
CA THR A 39 3.94 4.07 3.49
C THR A 39 3.98 2.57 3.59
N ASN A 40 5.16 2.03 3.91
CA ASN A 40 5.31 0.64 4.21
C ASN A 40 6.58 0.47 5.01
N PRO A 41 6.79 -0.75 5.56
CA PRO A 41 7.97 -0.97 6.36
C PRO A 41 9.26 -0.41 5.74
N SER A 42 9.46 -0.53 4.43
CA SER A 42 10.69 0.00 3.84
C SER A 42 10.68 1.50 3.89
N LEU A 43 9.55 2.08 3.53
CA LEU A 43 9.47 3.51 3.49
C LEU A 43 9.54 4.09 4.90
N ILE A 44 9.14 3.31 5.89
CA ILE A 44 9.20 3.81 7.25
C ILE A 44 10.64 3.78 7.74
N LEU A 45 11.31 2.66 7.50
CA LEU A 45 12.74 2.54 7.72
C LEU A 45 13.46 3.71 7.03
N LYS A 46 13.15 3.94 5.76
CA LYS A 46 13.80 5.02 5.03
C LYS A 46 13.57 6.38 5.69
N ALA A 47 12.30 6.71 5.94
CA ALA A 47 11.91 7.98 6.51
C ALA A 47 12.53 8.20 7.88
N ALA A 48 12.62 7.10 8.65
CA ALA A 48 13.26 7.13 9.96
C ALA A 48 14.72 7.62 9.92
N LYS A 49 15.38 7.45 8.79
CA LYS A 49 16.74 7.98 8.61
C LYS A 49 16.78 9.48 8.35
N LEU A 50 15.62 10.12 8.18
CA LEU A 50 15.60 11.57 7.96
C LEU A 50 15.92 12.36 9.23
N ALA A 51 16.83 13.34 9.09
CA ALA A 51 17.21 14.23 10.18
C ALA A 51 16.01 14.94 10.82
N ASN A 52 15.17 15.55 10.00
CA ASN A 52 14.03 16.33 10.51
C ASN A 52 12.99 15.45 11.20
N TYR A 53 13.17 14.15 11.07
CA TYR A 53 12.24 13.18 11.61
C TYR A 53 12.75 12.56 12.90
N GLN A 54 14.03 12.81 13.22
CA GLN A 54 14.66 12.24 14.42
C GLN A 54 13.86 12.55 15.68
N HIS A 55 13.31 13.76 15.74
CA HIS A 55 12.43 14.14 16.84
C HIS A 55 11.28 13.13 17.03
N LEU A 56 10.74 12.63 15.92
CA LEU A 56 9.63 11.67 15.93
C LEU A 56 9.99 10.32 16.54
N ILE A 57 11.25 9.91 16.42
CA ILE A 57 11.71 8.67 17.04
C ILE A 57 11.65 8.80 18.56
N GLU A 58 12.15 9.92 19.07
CA GLU A 58 12.10 10.18 20.52
C GLU A 58 10.65 10.19 21.02
N GLU A 59 9.86 11.13 20.51
CA GLU A 59 8.44 11.25 20.85
C GLU A 59 7.71 9.90 20.84
N ALA A 60 8.33 8.93 20.19
CA ALA A 60 7.79 7.58 20.12
C ALA A 60 8.27 6.80 21.33
N ILE A 61 9.56 6.93 21.62
CA ILE A 61 10.16 6.28 22.80
C ILE A 61 9.55 6.88 24.07
N ASP A 62 9.56 8.22 24.16
CA ASP A 62 8.79 8.92 25.19
C ASP A 62 7.44 8.22 25.32
N TRP A 63 6.47 8.53 24.47
CA TRP A 63 5.18 7.85 24.56
C TRP A 63 5.29 6.39 25.03
N ALA A 64 6.19 5.62 24.42
CA ALA A 64 6.28 4.20 24.74
C ALA A 64 6.56 4.03 26.21
N LEU A 65 7.51 4.84 26.70
CA LEU A 65 8.02 4.83 28.08
C LEU A 65 7.05 5.47 29.08
N GLN A 66 6.78 6.76 28.90
CA GLN A 66 5.80 7.52 29.74
C GLN A 66 4.43 6.84 29.88
N ILE A 67 3.94 6.19 28.81
CA ILE A 67 2.79 5.27 28.95
C ILE A 67 3.20 4.06 29.73
N LYS A 68 4.33 3.45 29.33
CA LYS A 68 4.81 2.21 29.94
C LYS A 68 5.82 2.56 31.00
N GLY A 69 5.33 3.09 32.12
CA GLY A 69 6.13 3.34 33.34
C GLY A 69 6.89 2.08 33.70
N ASN A 70 6.18 0.94 33.68
CA ASN A 70 6.78 -0.41 33.85
C ASN A 70 5.90 -1.50 33.20
N LYS A 72 9.25 -2.83 31.53
CA LYS A 72 10.00 -3.01 30.28
C LYS A 72 10.11 -4.47 29.84
N ASN A 73 9.59 -4.75 28.64
CA ASN A 73 9.70 -6.06 27.98
C ASN A 73 10.50 -5.88 26.67
N SER A 74 11.76 -6.29 26.68
CA SER A 74 12.72 -5.92 25.62
C SER A 74 12.19 -6.10 24.18
N GLN A 75 11.46 -7.19 23.93
CA GLN A 75 10.66 -7.32 22.69
C GLN A 75 9.33 -6.53 22.75
N THR A 76 8.40 -6.91 23.62
CA THR A 76 7.09 -6.22 23.65
C THR A 76 7.22 -4.72 23.56
N THR A 77 8.22 -4.16 24.21
CA THR A 77 8.27 -2.72 24.35
C THR A 77 8.86 -2.05 23.09
N LEU A 78 9.73 -2.79 22.42
CA LEU A 78 10.27 -2.41 21.11
C LEU A 78 9.15 -2.32 20.10
N GLU A 79 8.26 -3.30 20.14
CA GLU A 79 7.20 -3.39 19.17
C GLU A 79 6.16 -2.30 19.38
N ASN A 80 6.13 -1.72 20.57
CA ASN A 80 5.23 -0.62 20.78
C ASN A 80 5.84 0.69 20.28
N VAL A 81 7.16 0.80 20.39
CA VAL A 81 7.79 1.98 19.82
C VAL A 81 7.72 1.94 18.29
N GLY A 82 7.90 0.75 17.72
CA GLY A 82 7.80 0.51 16.27
C GLY A 82 6.54 1.15 15.73
N ASP A 83 5.40 0.58 16.12
CA ASP A 83 4.07 1.09 15.75
C ASP A 83 3.91 2.59 15.97
N LYS A 84 4.24 3.07 17.16
CA LYS A 84 4.08 4.47 17.38
C LYS A 84 4.84 5.28 16.31
N LEU A 85 6.04 4.86 15.95
CA LEU A 85 6.86 5.63 14.99
C LEU A 85 6.16 5.73 13.64
N ALA A 86 5.67 4.60 13.17
CA ALA A 86 4.90 4.56 11.94
C ALA A 86 3.76 5.56 12.04
N VAL A 87 3.03 5.52 13.16
CA VAL A 87 1.87 6.38 13.35
C VAL A 87 2.25 7.85 13.42
N ASN A 88 3.32 8.14 14.15
CA ASN A 88 3.85 9.48 14.19
C ASN A 88 4.13 9.94 12.77
N ILE A 89 4.79 9.10 11.97
CA ILE A 89 5.18 9.51 10.62
C ILE A 89 3.92 9.76 9.77
N GLY A 90 2.94 8.86 9.93
CA GLY A 90 1.63 9.04 9.25
C GLY A 90 1.00 10.36 9.65
N CYS A 91 0.92 10.55 10.97
CA CYS A 91 0.47 11.80 11.56
C CYS A 91 1.05 13.03 10.87
N GLU A 92 2.37 13.02 10.63
CA GLU A 92 3.06 14.14 9.96
C GLU A 92 2.62 14.34 8.52
N VAL A 93 2.50 13.26 7.76
CA VAL A 93 2.10 13.44 6.38
C VAL A 93 0.65 13.92 6.35
N LEU A 94 -0.17 13.43 7.28
CA LEU A 94 -1.59 13.76 7.31
C LEU A 94 -1.86 15.26 7.35
N THR A 95 -1.04 15.99 8.11
CA THR A 95 -1.17 17.45 8.18
C THR A 95 -1.17 18.15 6.81
N SER A 96 -0.54 17.51 5.82
CA SER A 96 -0.35 18.12 4.51
C SER A 96 -1.10 17.46 3.36
N ILE A 97 -2.01 16.53 3.66
CA ILE A 97 -2.85 15.92 2.62
C ILE A 97 -4.35 15.93 2.96
N PRO A 98 -5.20 16.22 1.98
CA PRO A 98 -6.64 16.29 2.20
C PRO A 98 -7.28 14.93 2.42
N GLY A 99 -6.59 13.87 2.03
CA GLY A 99 -7.19 12.54 2.02
C GLY A 99 -6.70 11.61 3.10
N VAL A 100 -6.33 10.42 2.66
CA VAL A 100 -6.16 9.28 3.52
C VAL A 100 -4.69 8.85 3.62
N ILE A 101 -4.33 8.18 4.72
CA ILE A 101 -2.99 7.61 4.87
C ILE A 101 -3.04 6.09 5.00
N SER A 102 -2.00 5.45 4.48
CA SER A 102 -1.92 3.99 4.55
C SER A 102 -0.71 3.59 5.41
N THR A 103 -0.98 2.89 6.51
CA THR A 103 0.04 2.45 7.43
C THR A 103 -0.03 0.94 7.53
N GLU A 104 1.13 0.29 7.48
CA GLU A 104 1.13 -1.15 7.34
C GLU A 104 1.44 -1.88 8.65
N VAL A 105 0.66 -2.90 8.94
CA VAL A 105 0.95 -3.75 10.09
C VAL A 105 2.27 -4.49 9.91
N ASP A 106 2.95 -4.73 11.02
CA ASP A 106 4.07 -5.63 11.11
C ASP A 106 3.83 -6.87 10.25
N ALA A 107 4.67 -7.03 9.24
CA ALA A 107 4.46 -8.11 8.27
C ALA A 107 4.67 -9.49 8.83
N ARG A 108 5.38 -9.59 9.95
CA ARG A 108 5.54 -10.89 10.62
C ARG A 108 4.20 -11.52 11.05
N LEU A 109 3.14 -10.70 11.05
CA LEU A 109 1.80 -11.11 11.41
C LEU A 109 0.98 -11.70 10.24
N SER A 110 1.62 -11.78 9.08
CA SER A 110 0.96 -12.05 7.81
C SER A 110 0.17 -13.36 7.72
N PHE A 111 0.61 -14.39 8.42
CA PHE A 111 -0.15 -15.64 8.36
C PHE A 111 -1.05 -15.90 9.57
N ASP A 112 -1.40 -14.82 10.29
CA ASP A 112 -2.11 -14.90 11.54
C ASP A 112 -3.21 -13.83 11.56
N THR A 113 -4.43 -14.28 11.31
CA THR A 113 -5.53 -13.36 11.19
C THR A 113 -5.77 -12.58 12.46
N GLN A 114 -5.92 -13.29 13.58
CA GLN A 114 -6.30 -12.65 14.87
C GLN A 114 -5.27 -11.68 15.37
N ALA A 115 -4.00 -12.07 15.27
CA ALA A 115 -2.89 -11.18 15.63
C ALA A 115 -2.90 -9.91 14.78
N THR A 116 -3.25 -10.09 13.50
CA THR A 116 -3.32 -9.00 12.54
C THR A 116 -4.44 -8.04 12.95
N VAL A 117 -5.64 -8.55 13.18
CA VAL A 117 -6.73 -7.62 13.52
C VAL A 117 -6.46 -6.86 14.81
N ALA A 118 -5.91 -7.58 15.78
CA ALA A 118 -5.46 -6.94 17.01
C ALA A 118 -4.60 -5.73 16.71
N LYS A 119 -3.58 -5.93 15.85
CA LYS A 119 -2.60 -4.89 15.52
C LYS A 119 -3.23 -3.72 14.76
N ALA A 120 -4.16 -4.03 13.86
CA ALA A 120 -4.89 -2.99 13.15
C ALA A 120 -5.66 -2.08 14.12
N ARG A 121 -6.47 -2.68 14.99
CA ARG A 121 -7.20 -1.92 16.01
C ARG A 121 -6.22 -1.10 16.85
N LYS A 122 -5.12 -1.74 17.23
CA LYS A 122 -4.08 -1.03 17.93
C LYS A 122 -3.70 0.22 17.16
N LEU A 123 -3.38 0.05 15.87
CA LEU A 123 -2.82 1.16 15.12
C LEU A 123 -3.86 2.24 14.99
N ILE A 124 -5.11 1.83 14.82
CA ILE A 124 -6.22 2.78 14.78
C ILE A 124 -6.30 3.59 16.08
N ARG A 125 -6.27 2.86 17.21
CA ARG A 125 -6.36 3.50 18.53
C ARG A 125 -5.27 4.53 18.67
N LEU A 126 -4.04 4.12 18.36
CA LEU A 126 -2.94 5.08 18.37
C LEU A 126 -3.22 6.33 17.56
N TYR A 127 -4.00 6.19 16.50
CA TYR A 127 -4.31 7.34 15.66
C TYR A 127 -5.39 8.18 16.31
N GLN A 128 -6.42 7.52 16.87
CA GLN A 128 -7.42 8.22 17.69
C GLN A 128 -6.79 9.08 18.83
N ASP A 129 -5.85 8.49 19.57
CA ASP A 129 -5.03 9.19 20.56
C ASP A 129 -4.38 10.46 20.02
N ALA A 130 -3.99 10.45 18.74
CA ALA A 130 -3.27 11.58 18.17
C ALA A 130 -4.28 12.58 17.65
N GLY A 131 -5.54 12.19 17.71
CA GLY A 131 -6.66 13.07 17.44
C GLY A 131 -7.19 12.96 16.04
N ILE A 132 -7.10 11.76 15.46
CA ILE A 132 -7.34 11.54 14.03
C ILE A 132 -8.50 10.58 13.82
N ASP A 133 -9.47 10.95 12.97
CA ASP A 133 -10.63 10.09 12.76
C ASP A 133 -10.15 8.83 12.01
N SER A 134 -10.64 7.67 12.41
CA SER A 134 -10.21 6.43 11.77
C SER A 134 -10.42 6.42 10.25
N ASP A 135 -11.25 7.32 9.75
CA ASP A 135 -11.64 7.29 8.35
C ASP A 135 -10.55 7.92 7.48
N ARG A 136 -9.73 8.76 8.11
CA ARG A 136 -8.52 9.26 7.52
C ARG A 136 -7.44 8.17 7.34
N ILE A 137 -7.76 6.92 7.71
CA ILE A 137 -6.76 5.87 7.79
C ILE A 137 -7.11 4.61 7.03
N LEU A 138 -6.07 4.06 6.39
CA LEU A 138 -6.12 2.78 5.75
C LEU A 138 -5.05 1.91 6.36
N ILE A 139 -5.46 0.79 6.96
CA ILE A 139 -4.51 -0.12 7.58
C ILE A 139 -4.10 -1.03 6.46
N LYS A 140 -2.80 -1.13 6.20
CA LYS A 140 -2.30 -1.95 5.11
C LYS A 140 -1.86 -3.35 5.58
N ILE A 141 -2.34 -4.37 4.88
CA ILE A 141 -2.14 -5.76 5.26
C ILE A 141 -1.67 -6.55 4.01
N ALA A 142 -0.65 -7.40 4.14
CA ALA A 142 -0.28 -8.28 3.02
C ALA A 142 -1.44 -9.18 2.62
N SER A 143 -1.63 -9.36 1.32
CA SER A 143 -2.82 -10.04 0.81
C SER A 143 -2.72 -11.57 0.83
N THR A 144 -2.38 -12.13 1.99
CA THR A 144 -2.46 -13.59 2.16
C THR A 144 -3.89 -13.90 2.50
N TRP A 145 -4.25 -15.17 2.46
CA TRP A 145 -5.63 -15.55 2.80
C TRP A 145 -5.97 -15.01 4.18
N GLU A 146 -5.08 -15.31 5.13
CA GLU A 146 -5.21 -14.87 6.52
C GLU A 146 -5.38 -13.37 6.66
N GLY A 147 -4.65 -12.62 5.84
CA GLY A 147 -4.67 -11.17 5.89
C GLY A 147 -5.99 -10.68 5.32
N ILE A 148 -6.54 -11.41 4.37
CA ILE A 148 -7.80 -11.03 3.80
C ILE A 148 -8.91 -11.35 4.80
N GLN A 149 -8.92 -12.55 5.36
CA GLN A 149 -9.81 -12.86 6.48
C GLN A 149 -9.78 -11.80 7.60
N ALA A 150 -8.58 -11.33 7.93
CA ALA A 150 -8.46 -10.22 8.85
C ALA A 150 -9.25 -9.04 8.33
N ALA A 151 -8.97 -8.62 7.10
CA ALA A 151 -9.62 -7.46 6.49
C ALA A 151 -11.14 -7.61 6.51
N LYS A 152 -11.63 -8.83 6.29
CA LYS A 152 -13.06 -9.10 6.42
C LYS A 152 -13.59 -8.62 7.77
N ILE A 153 -13.05 -9.20 8.84
CA ILE A 153 -13.42 -8.86 10.21
C ILE A 153 -13.37 -7.33 10.39
N LEU A 154 -12.23 -6.72 10.06
CA LEU A 154 -12.06 -5.29 10.35
C LEU A 154 -13.00 -4.39 9.57
N GLU A 155 -13.14 -4.71 8.29
CA GLU A 155 -13.95 -3.92 7.41
C GLU A 155 -15.40 -3.99 7.95
N ALA A 156 -15.83 -5.20 8.34
CA ALA A 156 -17.17 -5.38 8.93
C ALA A 156 -17.44 -4.50 10.15
N GLU A 157 -16.40 -4.02 10.83
CA GLU A 157 -16.63 -3.07 11.93
C GLU A 157 -16.13 -1.68 11.59
N GLY A 158 -15.98 -1.42 10.28
CA GLY A 158 -15.64 -0.09 9.83
C GLY A 158 -14.21 0.36 9.99
N ILE A 159 -13.28 -0.59 10.14
CA ILE A 159 -11.89 -0.23 9.98
C ILE A 159 -11.51 -0.54 8.53
N HIS A 160 -11.01 0.48 7.83
CA HIS A 160 -10.75 0.33 6.39
C HIS A 160 -9.35 -0.18 6.04
N CYS A 161 -9.31 -1.09 5.08
CA CYS A 161 -8.05 -1.73 4.71
C CYS A 161 -7.52 -1.47 3.33
N ASN A 162 -6.20 -1.27 3.26
CA ASN A 162 -5.44 -1.35 2.02
C ASN A 162 -4.80 -2.75 1.92
N LEU A 163 -5.33 -3.61 1.06
CA LEU A 163 -4.72 -4.94 0.86
C LEU A 163 -3.61 -4.92 -0.17
N THR A 164 -2.41 -5.14 0.31
CA THR A 164 -1.21 -4.86 -0.45
C THR A 164 -0.49 -6.14 -0.81
N LEU A 165 0.66 -6.00 -1.48
CA LEU A 165 1.41 -7.12 -2.05
C LEU A 165 0.48 -8.01 -2.86
N LEU A 166 -0.31 -7.37 -3.72
CA LEU A 166 -1.30 -8.10 -4.52
C LEU A 166 -0.72 -8.44 -5.90
N PHE A 167 -0.71 -9.71 -6.24
CA PHE A 167 -0.03 -10.13 -7.43
C PHE A 167 -0.92 -10.92 -8.34
N HIS A 168 -2.19 -11.06 -7.99
CA HIS A 168 -2.97 -12.02 -8.72
C HIS A 168 -4.47 -11.82 -8.61
N PHE A 169 -5.14 -12.28 -9.66
CA PHE A 169 -6.56 -12.23 -9.79
C PHE A 169 -7.22 -12.85 -8.56
N ALA A 170 -6.70 -13.99 -8.11
CA ALA A 170 -7.32 -14.72 -7.03
C ALA A 170 -7.31 -13.86 -5.75
N GLN A 171 -6.17 -13.25 -5.46
CA GLN A 171 -6.16 -12.32 -4.35
C GLN A 171 -7.21 -11.21 -4.57
N ALA A 172 -7.28 -10.70 -5.80
CA ALA A 172 -8.25 -9.63 -6.13
C ALA A 172 -9.69 -10.06 -5.82
N GLN A 173 -10.06 -11.27 -6.25
CA GLN A 173 -11.43 -11.70 -6.10
C GLN A 173 -11.72 -11.84 -4.62
N ALA A 174 -10.82 -12.53 -3.95
CA ALA A 174 -10.99 -12.80 -2.54
C ALA A 174 -11.11 -11.49 -1.77
N CYS A 175 -10.27 -10.52 -2.12
CA CYS A 175 -10.28 -9.28 -1.38
C CYS A 175 -11.62 -8.65 -1.48
N ALA A 176 -12.17 -8.72 -2.68
CA ALA A 176 -13.37 -7.99 -3.00
C ALA A 176 -14.51 -8.72 -2.35
N GLU A 177 -14.52 -10.05 -2.47
CA GLU A 177 -15.55 -10.87 -1.82
C GLU A 177 -15.60 -10.64 -0.30
N ALA A 178 -14.50 -10.20 0.29
CA ALA A 178 -14.48 -9.99 1.73
C ALA A 178 -14.73 -8.54 2.10
N GLY A 179 -15.13 -7.74 1.13
CA GLY A 179 -15.56 -6.39 1.43
C GLY A 179 -14.46 -5.42 1.67
N THR A 180 -13.27 -5.70 1.15
CA THR A 180 -12.11 -4.81 1.29
C THR A 180 -12.33 -3.43 0.72
N THR A 181 -11.88 -2.41 1.44
CA THR A 181 -11.89 -1.06 0.89
C THR A 181 -11.03 -0.86 -0.37
N LEU A 182 -9.72 -1.17 -0.29
CA LEU A 182 -8.81 -0.88 -1.40
C LEU A 182 -7.74 -1.97 -1.62
N ILE A 183 -7.31 -2.18 -2.86
CA ILE A 183 -6.18 -3.08 -3.10
C ILE A 183 -5.01 -2.38 -3.76
N SER A 184 -3.80 -2.75 -3.37
CA SER A 184 -2.64 -2.14 -3.97
C SER A 184 -1.75 -3.15 -4.66
N PRO A 185 -2.04 -3.46 -5.93
CA PRO A 185 -1.24 -4.41 -6.73
C PRO A 185 0.10 -3.80 -7.06
N PHE A 186 1.13 -4.64 -6.98
CA PHE A 186 2.52 -4.22 -7.08
C PHE A 186 3.01 -4.44 -8.51
N VAL A 187 2.88 -3.40 -9.32
CA VAL A 187 3.05 -3.51 -10.77
C VAL A 187 4.50 -3.80 -11.16
N GLY A 188 5.40 -2.92 -10.72
CA GLY A 188 6.82 -3.02 -11.00
C GLY A 188 7.37 -4.38 -10.61
N ARG A 189 6.82 -4.94 -9.54
CA ARG A 189 7.37 -6.20 -9.08
C ARG A 189 6.96 -7.36 -9.97
N ILE A 190 5.78 -7.24 -10.57
CA ILE A 190 5.35 -8.27 -11.52
C ILE A 190 6.32 -8.18 -12.71
N LEU A 191 6.67 -6.96 -13.06
CA LEU A 191 7.62 -6.75 -14.12
C LEU A 191 8.92 -7.45 -13.74
N ASP A 192 9.56 -6.96 -12.67
CA ASP A 192 10.80 -7.56 -12.18
C ASP A 192 10.76 -9.09 -12.33
N TRP A 193 9.64 -9.72 -11.93
CA TRP A 193 9.66 -11.16 -11.91
C TRP A 193 9.81 -11.71 -13.31
N TYR A 194 9.01 -11.18 -14.23
CA TYR A 194 9.02 -11.68 -15.60
C TYR A 194 10.38 -11.46 -16.30
N LYS A 195 10.94 -10.25 -16.16
CA LYS A 195 12.26 -9.95 -16.71
C LYS A 195 13.32 -10.94 -16.22
N ALA A 196 13.22 -11.35 -14.97
CA ALA A 196 14.23 -12.19 -14.35
C ALA A 196 13.96 -13.70 -14.51
N ASN A 197 12.98 -14.08 -15.32
CA ASN A 197 12.48 -15.46 -15.29
C ASN A 197 11.89 -15.96 -16.60
N SER A 198 11.81 -15.11 -17.61
CA SER A 198 11.00 -15.46 -18.80
C SER A 198 11.78 -15.54 -20.12
N GLY A 199 12.90 -14.84 -20.24
CA GLY A 199 13.63 -14.79 -21.52
C GLY A 199 13.16 -13.68 -22.46
N GLN A 200 11.90 -13.24 -22.30
CA GLN A 200 11.53 -11.86 -22.64
C GLN A 200 12.07 -11.03 -21.49
N SER A 201 12.65 -9.88 -21.81
CA SER A 201 13.38 -9.07 -20.81
C SER A 201 13.35 -7.62 -21.22
N GLU A 202 12.72 -7.36 -22.36
CA GLU A 202 12.19 -6.05 -22.67
C GLU A 202 10.67 -6.14 -22.79
N TYR A 203 9.96 -5.20 -22.16
CA TYR A 203 8.49 -5.11 -22.26
C TYR A 203 8.14 -3.67 -22.52
N SER A 204 7.03 -3.47 -23.20
CA SER A 204 6.51 -2.11 -23.37
C SER A 204 5.22 -2.00 -22.58
N ALA A 205 4.82 -0.75 -22.31
CA ALA A 205 3.65 -0.46 -21.50
C ALA A 205 2.48 -1.46 -21.71
N SER A 206 2.04 -1.67 -22.95
CA SER A 206 1.02 -2.68 -23.24
C SER A 206 1.35 -4.08 -22.72
N GLU A 207 2.59 -4.56 -22.91
CA GLU A 207 2.86 -6.00 -22.66
C GLU A 207 3.35 -6.25 -21.26
N ASP A 208 3.65 -5.14 -20.57
CA ASP A 208 4.06 -5.19 -19.18
C ASP A 208 3.06 -6.01 -18.36
N PRO A 209 3.54 -7.15 -17.85
CA PRO A 209 2.61 -8.11 -17.23
C PRO A 209 1.93 -7.57 -15.97
N GLY A 210 2.54 -6.60 -15.31
CA GLY A 210 1.88 -5.93 -14.21
C GLY A 210 0.69 -5.16 -14.72
N VAL A 211 0.92 -4.37 -15.76
CA VAL A 211 -0.14 -3.57 -16.36
C VAL A 211 -1.29 -4.47 -16.85
N VAL A 212 -0.91 -5.57 -17.50
CA VAL A 212 -1.88 -6.50 -18.00
C VAL A 212 -2.73 -7.02 -16.85
N SER A 213 -2.07 -7.48 -15.77
CA SER A 213 -2.73 -7.98 -14.54
C SER A 213 -3.66 -6.97 -13.88
N VAL A 214 -3.15 -5.77 -13.63
CA VAL A 214 -3.96 -4.79 -12.95
C VAL A 214 -5.16 -4.41 -13.83
N THR A 215 -4.98 -4.53 -15.14
CA THR A 215 -6.04 -4.17 -16.05
C THR A 215 -7.14 -5.23 -15.97
N GLU A 216 -6.77 -6.50 -15.98
CA GLU A 216 -7.78 -7.56 -15.94
C GLU A 216 -8.66 -7.37 -14.72
N ILE A 217 -8.00 -7.12 -13.58
CA ILE A 217 -8.63 -6.94 -12.31
C ILE A 217 -9.55 -5.75 -12.36
N TYR A 218 -9.02 -4.61 -12.79
CA TYR A 218 -9.85 -3.43 -12.86
C TYR A 218 -11.15 -3.73 -13.62
N ASN A 219 -11.01 -4.32 -14.80
CA ASN A 219 -12.17 -4.66 -15.59
C ASN A 219 -13.13 -5.58 -14.88
N PHE A 220 -12.57 -6.60 -14.25
CA PHE A 220 -13.35 -7.54 -13.46
C PHE A 220 -14.13 -6.86 -12.31
N TYR A 221 -13.48 -5.93 -11.61
CA TYR A 221 -14.12 -5.21 -10.54
C TYR A 221 -15.32 -4.41 -11.05
N LYS A 222 -15.08 -3.50 -11.99
CA LYS A 222 -16.13 -2.63 -12.50
C LYS A 222 -17.26 -3.40 -13.22
N SER A 223 -16.89 -4.29 -14.13
CA SER A 223 -17.89 -5.06 -14.86
C SER A 223 -18.71 -5.97 -13.94
N HIS A 224 -18.24 -6.17 -12.71
CA HIS A 224 -18.97 -7.03 -11.79
C HIS A 224 -19.54 -6.28 -10.58
N GLY A 225 -19.40 -4.96 -10.55
CA GLY A 225 -20.03 -4.14 -9.52
C GLY A 225 -19.30 -4.09 -8.17
N PHE A 226 -18.26 -4.91 -8.00
CA PHE A 226 -17.48 -4.90 -6.77
C PHE A 226 -17.00 -3.50 -6.46
N LYS A 227 -17.04 -3.10 -5.17
CA LYS A 227 -16.75 -1.72 -4.77
C LYS A 227 -15.29 -1.43 -4.39
N THR A 228 -14.46 -2.46 -4.28
CA THR A 228 -13.08 -2.25 -3.83
C THR A 228 -12.28 -1.29 -4.74
N ILE A 229 -11.65 -0.25 -4.18
CA ILE A 229 -10.82 0.65 -4.96
C ILE A 229 -9.58 -0.06 -5.47
N VAL A 230 -9.20 0.22 -6.72
CA VAL A 230 -8.01 -0.38 -7.33
C VAL A 230 -6.94 0.68 -7.38
N MSE A 231 -5.82 0.39 -6.72
CA MSE A 231 -4.71 1.34 -6.65
C MSE A 231 -3.37 0.70 -7.03
O MSE A 231 -2.73 0.02 -6.23
CB MSE A 231 -4.62 1.98 -5.26
CG MSE A 231 -3.58 3.08 -5.18
SE MSE A 231 -3.43 3.86 -3.41
CE MSE A 231 -2.24 5.25 -3.74
N GLY A 232 -2.94 0.95 -8.25
CA GLY A 232 -1.68 0.46 -8.71
C GLY A 232 -0.56 1.07 -7.90
N ALA A 233 0.47 0.28 -7.69
CA ALA A 233 1.54 0.70 -6.82
C ALA A 233 2.85 0.10 -7.26
N SER A 234 3.94 0.74 -6.81
CA SER A 234 5.26 0.14 -6.82
C SER A 234 5.69 -0.07 -8.26
N PHE A 235 5.78 1.05 -8.96
CA PHE A 235 6.11 1.08 -10.38
C PHE A 235 7.61 1.17 -10.67
N ARG A 236 8.08 0.46 -11.69
CA ARG A 236 9.46 0.70 -12.20
C ARG A 236 9.60 1.94 -13.08
N ASN A 237 8.53 2.33 -13.80
CA ASN A 237 8.62 3.48 -14.72
C ASN A 237 7.32 4.25 -15.02
N THR A 238 7.46 5.44 -15.59
CA THR A 238 6.31 6.22 -16.01
C THR A 238 5.46 5.49 -17.05
N GLY A 239 6.10 4.66 -17.86
CA GLY A 239 5.36 3.94 -18.86
C GLY A 239 4.16 3.24 -18.29
N GLU A 240 4.36 2.54 -17.20
CA GLU A 240 3.32 1.74 -16.60
C GLU A 240 2.25 2.65 -15.99
N ILE A 241 2.68 3.66 -15.25
CA ILE A 241 1.73 4.60 -14.66
C ILE A 241 0.83 5.15 -15.77
N GLU A 242 1.44 5.61 -16.87
CA GLU A 242 0.66 6.16 -17.98
C GLU A 242 -0.32 5.13 -18.52
N GLU A 243 0.14 3.90 -18.68
CA GLU A 243 -0.68 2.85 -19.25
C GLU A 243 -1.86 2.50 -18.35
N LEU A 244 -1.93 3.17 -17.20
CA LEU A 244 -2.98 2.91 -16.24
C LEU A 244 -3.81 4.15 -15.96
N ALA A 245 -3.46 5.25 -16.61
CA ALA A 245 -4.14 6.52 -16.40
C ALA A 245 -5.64 6.39 -16.55
N GLY A 246 -6.36 6.75 -15.48
CA GLY A 246 -7.83 6.63 -15.45
C GLY A 246 -8.32 5.85 -14.25
N CYS A 247 -7.48 4.92 -13.83
CA CYS A 247 -7.60 4.14 -12.60
C CYS A 247 -8.06 4.95 -11.39
N ASP A 248 -8.82 4.30 -10.50
CA ASP A 248 -9.32 4.91 -9.25
C ASP A 248 -8.22 5.73 -8.55
N ARG A 249 -7.16 5.07 -8.09
CA ARG A 249 -6.00 5.83 -7.61
C ARG A 249 -4.75 5.18 -8.11
N LEU A 250 -3.63 5.90 -7.96
CA LEU A 250 -2.30 5.36 -8.24
C LEU A 250 -1.29 5.94 -7.27
N THR A 251 -0.54 5.08 -6.57
CA THR A 251 0.49 5.58 -5.68
C THR A 251 1.85 5.48 -6.34
N ILE A 252 2.62 6.55 -6.20
CA ILE A 252 3.77 6.80 -7.06
C ILE A 252 4.94 7.35 -6.27
N SER A 253 6.14 6.81 -6.51
CA SER A 253 7.35 7.34 -5.86
C SER A 253 7.61 8.80 -6.22
N PRO A 254 8.25 9.57 -5.32
CA PRO A 254 8.62 10.95 -5.63
C PRO A 254 9.52 11.07 -6.87
N GLU A 255 10.35 10.06 -7.12
CA GLU A 255 11.18 10.06 -8.31
C GLU A 255 10.26 10.01 -9.54
N LEU A 256 9.41 9.00 -9.64
CA LEU A 256 8.48 8.92 -10.75
C LEU A 256 7.50 10.11 -10.78
N LEU A 257 7.14 10.59 -9.60
CA LEU A 257 6.32 11.77 -9.50
C LEU A 257 7.01 12.97 -10.17
N ALA A 258 8.28 13.18 -9.87
CA ALA A 258 9.02 14.28 -10.48
C ALA A 258 8.96 14.16 -12.00
N GLN A 259 9.27 12.95 -12.48
CA GLN A 259 9.31 12.65 -13.90
C GLN A 259 8.01 12.99 -14.60
N LEU A 260 6.89 12.60 -14.00
CA LEU A 260 5.61 12.89 -14.58
C LEU A 260 5.41 14.39 -14.72
N GLU A 261 5.80 15.13 -13.68
CA GLU A 261 5.55 16.57 -13.66
C GLU A 261 6.37 17.26 -14.73
N ALA A 262 7.57 16.73 -14.95
CA ALA A 262 8.52 17.26 -15.93
C ALA A 262 8.12 16.98 -17.37
N ASP A 263 7.29 15.96 -17.60
CA ASP A 263 6.86 15.60 -18.95
C ASP A 263 5.61 16.41 -19.37
N THR A 264 5.70 17.03 -20.54
CA THR A 264 4.66 17.95 -21.03
C THR A 264 3.82 17.40 -22.17
N SER A 265 4.22 16.24 -22.72
CA SER A 265 3.40 15.52 -23.70
C SER A 265 1.99 15.33 -23.18
N PRO A 266 0.99 15.26 -24.08
CA PRO A 266 -0.40 15.01 -23.63
C PRO A 266 -0.55 13.59 -23.01
N LEU A 267 -1.53 13.44 -22.13
CA LEU A 267 -1.71 12.14 -21.47
C LEU A 267 -3.03 11.51 -21.85
N GLU A 268 -2.98 10.47 -22.67
CA GLU A 268 -4.21 9.77 -23.06
C GLU A 268 -4.80 8.94 -21.90
N GLN A 269 -6.09 9.10 -21.64
CA GLN A 269 -6.73 8.22 -20.67
C GLN A 269 -6.81 6.80 -21.20
N LYS A 270 -6.48 5.83 -20.36
CA LYS A 270 -6.47 4.44 -20.77
C LYS A 270 -7.49 3.58 -20.08
N LEU A 271 -7.77 3.86 -18.80
CA LEU A 271 -8.83 3.16 -18.06
C LEU A 271 -10.08 4.04 -17.91
N PHE A 272 -11.26 3.43 -18.07
CA PHE A 272 -12.50 4.20 -18.09
C PHE A 272 -13.56 3.65 -17.12
N PRO A 273 -14.57 4.47 -16.76
CA PRO A 273 -15.67 3.99 -15.93
C PRO A 273 -16.47 2.97 -16.67
N ILE A 274 -16.43 1.72 -16.26
CA ILE A 274 -17.19 0.77 -17.03
C ILE A 274 -18.49 0.37 -16.32
N LYS A 275 -19.52 0.03 -17.09
CA LYS A 275 -20.83 -0.34 -16.55
C LYS A 275 -20.86 -1.73 -15.93
N GLU A 276 -21.64 -1.84 -14.86
CA GLU A 276 -21.86 -3.10 -14.18
C GLU A 276 -22.90 -3.91 -14.95
N THR A 277 -22.52 -5.08 -15.42
CA THR A 277 -23.40 -5.83 -16.32
C THR A 277 -23.35 -7.31 -16.02
N LYS A 278 -22.39 -7.75 -15.20
CA LYS A 278 -22.31 -9.18 -14.88
C LYS A 278 -22.67 -9.49 -13.43
N ASP A 279 -23.26 -10.65 -13.21
CA ASP A 279 -23.67 -11.07 -11.87
C ASP A 279 -22.43 -11.38 -11.06
N THR A 280 -22.46 -10.97 -9.80
CA THR A 280 -21.43 -11.34 -8.83
C THR A 280 -21.18 -12.86 -8.94
N PRO A 281 -19.91 -13.27 -9.04
CA PRO A 281 -19.61 -14.66 -9.34
C PRO A 281 -19.60 -15.55 -8.13
N GLU A 282 -19.53 -16.87 -8.39
CA GLU A 282 -19.35 -17.86 -7.33
C GLU A 282 -18.23 -17.45 -6.40
N LEU A 283 -18.49 -17.53 -5.10
CA LEU A 283 -17.48 -17.29 -4.07
C LEU A 283 -16.21 -18.11 -4.28
N LEU A 284 -15.06 -17.46 -4.12
CA LEU A 284 -13.80 -18.16 -4.30
C LEU A 284 -13.42 -18.79 -3.00
N THR A 285 -13.40 -20.12 -2.96
CA THR A 285 -13.02 -20.82 -1.73
C THR A 285 -11.53 -20.79 -1.42
N GLU A 286 -11.18 -20.76 -0.13
CA GLU A 286 -9.81 -21.01 0.33
C GLU A 286 -9.07 -22.05 -0.49
N ALA A 287 -9.66 -23.23 -0.69
CA ALA A 287 -8.88 -24.26 -1.37
C ALA A 287 -8.59 -23.84 -2.79
N SER A 288 -9.52 -23.10 -3.39
CA SER A 288 -9.36 -22.68 -4.77
C SER A 288 -8.36 -21.56 -4.83
N PHE A 289 -8.43 -20.66 -3.86
CA PHE A 289 -7.48 -19.57 -3.74
C PHE A 289 -6.07 -20.14 -3.67
N ARG A 290 -5.87 -21.04 -2.71
CA ARG A 290 -4.56 -21.56 -2.47
C ARG A 290 -4.06 -22.31 -3.67
N TRP A 291 -4.92 -23.01 -4.39
CA TRP A 291 -4.38 -23.65 -5.59
C TRP A 291 -3.96 -22.64 -6.68
N ALA A 292 -4.82 -21.67 -6.94
CA ALA A 292 -4.58 -20.66 -7.92
C ALA A 292 -3.21 -20.04 -7.68
N MSE A 293 -3.00 -19.72 -6.43
CA MSE A 293 -1.87 -19.00 -5.96
C MSE A 293 -0.61 -19.88 -6.02
O MSE A 293 0.48 -19.41 -6.27
CB MSE A 293 -2.20 -18.59 -4.55
CG MSE A 293 -1.67 -17.31 -4.16
SE MSE A 293 -2.20 -15.85 -5.25
CE MSE A 293 -0.90 -14.73 -4.42
N ASN A 294 -0.75 -21.19 -5.83
CA ASN A 294 0.42 -22.04 -5.87
C ASN A 294 0.76 -22.30 -7.28
N ASN A 295 -0.22 -22.08 -8.13
CA ASN A 295 -0.11 -22.49 -9.50
C ASN A 295 0.55 -21.42 -10.35
N ASP A 296 0.70 -20.23 -9.78
CA ASP A 296 1.26 -19.09 -10.48
C ASP A 296 2.61 -18.71 -9.88
N PRO A 297 3.67 -19.17 -10.53
CA PRO A 297 5.02 -19.03 -10.05
C PRO A 297 5.28 -17.62 -9.66
N MSE A 298 4.94 -16.65 -10.50
CA MSE A 298 5.33 -15.30 -10.15
C MSE A 298 4.62 -14.78 -8.92
O MSE A 298 5.23 -14.06 -8.12
CB MSE A 298 5.15 -14.35 -11.31
CG MSE A 298 3.88 -13.58 -11.25
SE MSE A 298 3.91 -12.02 -10.11
CE MSE A 298 2.15 -11.55 -10.68
N ALA A 299 3.34 -15.10 -8.74
CA ALA A 299 2.61 -14.52 -7.62
C ALA A 299 3.01 -15.28 -6.37
N HIS A 300 3.13 -16.60 -6.50
CA HIS A 300 3.68 -17.37 -5.42
C HIS A 300 5.03 -16.84 -4.93
N ASP A 301 5.94 -16.50 -5.85
CA ASP A 301 7.26 -15.99 -5.47
C ASP A 301 7.13 -14.66 -4.82
N LYS A 302 6.37 -13.76 -5.45
CA LYS A 302 6.46 -12.33 -5.15
C LYS A 302 5.78 -11.90 -3.88
N LEU A 303 4.71 -12.57 -3.52
CA LEU A 303 4.09 -12.40 -2.21
C LEU A 303 5.07 -12.77 -1.10
N ALA A 304 5.56 -14.01 -1.15
CA ALA A 304 6.45 -14.53 -0.10
C ALA A 304 7.60 -13.56 0.13
N ASP A 305 8.22 -13.18 -0.98
CA ASP A 305 9.36 -12.34 -0.98
C ASP A 305 9.07 -10.93 -0.43
N GLY A 306 7.93 -10.34 -0.77
CA GLY A 306 7.59 -9.03 -0.27
C GLY A 306 7.34 -9.08 1.22
N ILE A 307 6.73 -10.18 1.66
CA ILE A 307 6.58 -10.46 3.08
C ILE A 307 7.95 -10.58 3.76
N ARG A 308 8.80 -11.49 3.29
CA ARG A 308 10.16 -11.57 3.79
C ARG A 308 10.80 -10.19 3.87
N ARG A 309 10.86 -9.48 2.75
CA ARG A 309 11.47 -8.14 2.72
C ARG A 309 10.89 -7.18 3.78
N PHE A 310 9.56 -7.14 3.90
CA PHE A 310 8.93 -6.19 4.84
C PHE A 310 9.18 -6.60 6.28
N ALA A 311 9.17 -7.89 6.57
CA ALA A 311 9.46 -8.37 7.92
C ALA A 311 10.89 -8.02 8.30
N ALA A 312 11.81 -8.25 7.37
CA ALA A 312 13.22 -7.93 7.51
C ALA A 312 13.40 -6.47 7.89
N ASP A 313 12.78 -5.58 7.10
CA ASP A 313 12.80 -4.15 7.40
C ASP A 313 12.18 -3.83 8.76
N GLN A 314 11.25 -4.66 9.25
CA GLN A 314 10.75 -4.47 10.59
C GLN A 314 11.88 -4.69 11.60
N VAL A 315 12.66 -5.76 11.44
CA VAL A 315 13.73 -6.00 12.40
C VAL A 315 14.86 -5.00 12.26
N THR A 316 15.21 -4.58 11.05
CA THR A 316 16.30 -3.65 10.99
C THR A 316 15.83 -2.31 11.59
N LEU A 317 14.57 -1.98 11.38
CA LEU A 317 13.98 -0.83 12.05
C LEU A 317 14.08 -0.98 13.55
N GLU A 318 13.86 -2.18 14.05
CA GLU A 318 13.90 -2.43 15.49
C GLU A 318 15.30 -2.35 16.09
N SER A 319 16.30 -2.95 15.42
CA SER A 319 17.70 -2.79 15.81
C SER A 319 18.02 -1.34 16.08
N MSE A 320 17.60 -0.47 15.17
CA MSE A 320 18.00 0.91 15.27
C MSE A 320 17.26 1.57 16.42
O MSE A 320 17.79 2.47 17.08
CB MSE A 320 17.79 1.63 13.92
CG MSE A 320 18.03 3.12 13.99
SE MSE A 320 16.32 4.00 14.28
CE MSE A 320 15.92 4.15 12.38
N LEU A 321 16.05 1.12 16.68
CA LEU A 321 15.27 1.66 17.79
C LEU A 321 15.79 1.17 19.13
N SER A 322 16.32 -0.04 19.14
CA SER A 322 16.92 -0.63 20.34
C SER A 322 18.08 0.22 20.91
N LYS A 323 18.95 0.72 20.02
CA LYS A 323 20.06 1.58 20.42
C LYS A 323 19.55 2.85 21.11
N LYS A 324 18.65 3.56 20.44
CA LYS A 324 18.03 4.74 21.02
C LYS A 324 17.37 4.39 22.34
N ILE A 325 16.84 3.18 22.45
CA ILE A 325 16.27 2.67 23.68
C ILE A 325 17.31 2.66 24.81
N SER A 326 18.44 1.99 24.57
CA SER A 326 19.40 1.77 25.64
C SER A 326 20.18 3.04 26.03
N GLN A 327 20.19 4.04 25.15
CA GLN A 327 20.71 5.38 25.50
C GLN A 327 19.73 6.19 26.38
N ARG A 328 19.48 5.73 27.59
CA ARG A 328 18.73 6.51 28.61
C ARG A 328 19.44 6.49 29.96
#